data_3SMT
#
_entry.id   3SMT
#
_cell.length_a   113.864
_cell.length_b   113.864
_cell.length_c   83.570
_cell.angle_alpha   90.00
_cell.angle_beta   90.00
_cell.angle_gamma   120.00
#
_symmetry.space_group_name_H-M   'P 31 2 1'
#
loop_
_entity.id
_entity.type
_entity.pdbx_description
1 polymer 'Histone-lysine N-methyltransferase setd3'
2 non-polymer S-ADENOSYLMETHIONINE
3 non-polymer ARSENIC
4 non-polymer 'TETRAETHYLENE GLYCOL'
5 non-polymer 'ACETATE ION'
6 non-polymer 'UNKNOWN ATOM OR ION'
7 water water
#
_entity_poly.entity_id   1
_entity_poly.type   'polypeptide(L)'
_entity_poly.pdbx_seq_one_letter_code
;GKKSRVKTQKSGTGATATVSPKEILNLTSELLQKCSSPAPGPGKEWEEYVQIRTLVEKIRKKQKGLSVTFDGKREDYFPD
L(MSE)KWASENGASVEGFE(MSE)VNFKEEGFGLRATRDIKAEELFLWVPRKLL(MSE)TVESAKNSVLGPLYSQDRIL
QA(MSE)GNIALAFHLLCERASPNSFWQPYIQTLPSEYDTPLYFEEDEVRYLQSTQAIHDVFSQYKNTARQYAYFYKVIQ
THPHANKLPLKDSFTYEDYRWAVSSV(MSE)TRQNQIPTEDGSRVTLALIPLWD(MSE)CNHTNGLITTGYNLEDDRCEC
VALQDFRAGEQIYIFYGTRSNAEFVIHSGFFFDNNSHDRVKIKLGVSKSDRLYA(MSE)KAEVLARAGIPTSSVFALHFT
EPPISAQLLAFLRVFC(MSE)TEEELKEHLLGDSAIDRIFTLGNSEFPVSWDNEVKLWTFLEDRASLLLKTYKTTIEEDK
SVLKNHDLSVRAK(MSE)AIKLRLGEKEILEKAVKSAAVNREYYRQQ(MSE)EEKAP
;
_entity_poly.pdbx_strand_id   A
#
# COMPACT_ATOMS: atom_id res chain seq x y z
N SER A 20 15.11 21.23 -27.05
CA SER A 20 14.10 20.42 -26.36
C SER A 20 14.67 19.13 -25.74
N PRO A 21 15.41 18.21 -26.44
CA PRO A 21 15.93 17.00 -25.78
C PRO A 21 17.04 17.28 -24.77
N LYS A 22 17.86 18.32 -25.03
CA LYS A 22 18.96 18.75 -24.16
C LYS A 22 18.42 19.42 -22.90
N GLU A 23 17.28 20.13 -23.03
CA GLU A 23 16.61 20.84 -21.94
C GLU A 23 15.97 19.80 -20.99
N ILE A 24 15.33 18.75 -21.57
CA ILE A 24 14.67 17.67 -20.82
C ILE A 24 15.68 16.96 -19.91
N LEU A 25 16.85 16.58 -20.46
CA LEU A 25 17.96 15.93 -19.75
C LEU A 25 18.59 16.84 -18.68
N ASN A 26 18.50 18.18 -18.89
CA ASN A 26 19.02 19.18 -17.95
C ASN A 26 18.14 19.28 -16.70
N LEU A 27 16.80 19.31 -16.89
CA LEU A 27 15.78 19.37 -15.84
C LEU A 27 15.76 18.05 -15.04
N THR A 28 16.04 16.92 -15.75
CA THR A 28 16.14 15.55 -15.24
C THR A 28 17.25 15.49 -14.18
N SER A 29 18.45 16.01 -14.53
CA SER A 29 19.64 16.05 -13.68
C SER A 29 19.41 16.87 -12.41
N GLU A 30 18.64 17.98 -12.52
CA GLU A 30 18.29 18.82 -11.37
C GLU A 30 17.32 18.07 -10.46
N LEU A 31 16.32 17.36 -11.06
CA LEU A 31 15.32 16.56 -10.34
C LEU A 31 16.02 15.46 -9.51
N LEU A 32 17.00 14.75 -10.11
CA LEU A 32 17.81 13.70 -9.45
C LEU A 32 18.49 14.25 -8.19
N GLN A 33 19.12 15.45 -8.31
CA GLN A 33 19.83 16.13 -7.23
C GLN A 33 18.87 16.60 -6.13
N LYS A 34 17.74 17.23 -6.53
CA LYS A 34 16.70 17.73 -5.61
C LYS A 34 16.06 16.59 -4.80
N CYS A 35 15.93 15.40 -5.41
CA CYS A 35 15.32 14.22 -4.79
C CYS A 35 16.35 13.31 -4.07
N SER A 36 17.66 13.66 -4.12
CA SER A 36 18.72 12.89 -3.45
C SER A 36 19.19 13.53 -2.12
N SER A 37 18.51 14.60 -1.67
CA SER A 37 18.82 15.28 -0.41
C SER A 37 17.72 15.02 0.64
N PRO A 38 18.06 14.52 1.87
CA PRO A 38 17.00 14.29 2.87
C PRO A 38 16.47 15.58 3.51
N ALA A 39 15.38 15.50 4.30
CA ALA A 39 14.75 16.65 4.97
C ALA A 39 14.33 16.34 6.41
N LYS A 44 11.56 21.82 6.25
CA LYS A 44 10.24 21.22 6.46
C LYS A 44 9.85 20.28 5.29
N GLU A 45 8.97 19.31 5.57
CA GLU A 45 8.54 18.28 4.62
C GLU A 45 7.64 18.82 3.49
N TRP A 46 6.58 19.60 3.82
CA TRP A 46 5.64 20.19 2.85
C TRP A 46 6.37 21.14 1.87
N GLU A 47 7.27 22.00 2.40
CA GLU A 47 8.08 22.94 1.62
C GLU A 47 8.91 22.15 0.57
N GLU A 48 9.59 21.06 1.02
CA GLU A 48 10.39 20.17 0.18
C GLU A 48 9.53 19.51 -0.93
N TYR A 49 8.28 19.16 -0.59
CA TYR A 49 7.31 18.51 -1.48
C TYR A 49 6.86 19.45 -2.60
N VAL A 50 6.47 20.70 -2.27
CA VAL A 50 6.04 21.72 -3.23
C VAL A 50 7.18 22.07 -4.21
N GLN A 51 8.44 22.01 -3.74
CA GLN A 51 9.62 22.28 -4.57
C GLN A 51 9.77 21.23 -5.65
N ILE A 52 9.75 19.92 -5.29
CA ILE A 52 9.84 18.81 -6.26
C ILE A 52 8.53 18.79 -7.13
N ARG A 53 7.37 19.17 -6.56
CA ARG A 53 6.09 19.24 -7.28
C ARG A 53 6.11 20.29 -8.42
N THR A 54 6.58 21.53 -8.11
CA THR A 54 6.70 22.62 -9.11
C THR A 54 7.75 22.23 -10.18
N LEU A 55 8.81 21.49 -9.79
CA LEU A 55 9.83 20.97 -10.69
C LEU A 55 9.22 19.89 -11.66
N VAL A 56 8.47 18.90 -11.10
CA VAL A 56 7.84 17.82 -11.87
C VAL A 56 6.79 18.38 -12.84
N GLU A 57 5.93 19.31 -12.36
CA GLU A 57 4.87 19.94 -13.17
C GLU A 57 5.44 20.78 -14.32
N LYS A 58 6.71 21.21 -14.19
CA LYS A 58 7.42 21.98 -15.22
C LYS A 58 7.90 21.02 -16.31
N ILE A 59 8.54 19.90 -15.90
CA ILE A 59 9.05 18.85 -16.81
C ILE A 59 7.89 18.16 -17.53
N ARG A 60 6.76 17.95 -16.81
CA ARG A 60 5.54 17.33 -17.36
C ARG A 60 4.91 18.23 -18.44
N LYS A 61 4.96 19.56 -18.23
CA LYS A 61 4.44 20.58 -19.15
C LYS A 61 5.21 20.56 -20.48
N LYS A 62 6.52 20.28 -20.41
CA LYS A 62 7.42 20.20 -21.55
C LYS A 62 7.35 18.85 -22.29
N GLN A 63 6.54 17.89 -21.78
CA GLN A 63 6.40 16.55 -22.35
C GLN A 63 5.03 16.34 -23.03
N LYS A 64 4.90 15.25 -23.82
CA LYS A 64 3.69 14.94 -24.60
C LYS A 64 2.73 13.90 -23.94
N GLY A 65 2.59 13.95 -22.62
CA GLY A 65 1.72 13.05 -21.87
C GLY A 65 2.18 11.60 -21.92
N LEU A 66 1.26 10.65 -22.17
CA LEU A 66 1.65 9.25 -22.32
C LEU A 66 2.17 9.07 -23.76
N SER A 67 3.35 8.46 -23.91
CA SER A 67 3.99 8.21 -25.21
C SER A 67 3.10 7.40 -26.15
N VAL A 68 2.32 6.45 -25.58
CA VAL A 68 1.40 5.61 -26.34
C VAL A 68 0.00 5.77 -25.77
N THR A 69 -0.98 5.96 -26.64
CA THR A 69 -2.39 6.03 -26.32
C THR A 69 -3.12 5.15 -27.34
N PHE A 70 -4.36 4.76 -27.04
CA PHE A 70 -5.14 3.87 -27.88
C PHE A 70 -6.36 4.60 -28.45
N ASP A 71 -6.81 4.15 -29.63
CA ASP A 71 -7.91 4.75 -30.39
C ASP A 71 -9.26 4.76 -29.68
N GLY A 72 -9.55 3.74 -28.90
CA GLY A 72 -10.82 3.68 -28.20
C GLY A 72 -10.70 3.86 -26.71
N LYS A 73 -11.85 3.84 -26.04
CA LYS A 73 -11.95 3.91 -24.57
C LYS A 73 -11.64 2.47 -24.11
N ARG A 74 -11.17 2.28 -22.84
CA ARG A 74 -10.81 0.94 -22.34
C ARG A 74 -11.92 -0.10 -22.52
N GLU A 75 -13.21 0.26 -22.33
CA GLU A 75 -14.34 -0.67 -22.46
C GLU A 75 -14.48 -1.31 -23.85
N ASP A 76 -14.02 -0.62 -24.92
CA ASP A 76 -14.07 -1.16 -26.29
C ASP A 76 -13.10 -2.33 -26.42
N TYR A 77 -12.09 -2.39 -25.54
CA TYR A 77 -11.06 -3.42 -25.58
C TYR A 77 -11.33 -4.65 -24.69
N PHE A 78 -12.33 -4.61 -23.77
CA PHE A 78 -12.68 -5.77 -22.92
C PHE A 78 -13.00 -7.06 -23.75
N PRO A 79 -13.79 -7.02 -24.89
CA PRO A 79 -13.99 -8.25 -25.68
C PRO A 79 -12.70 -8.90 -26.20
N ASP A 80 -11.70 -8.10 -26.57
CA ASP A 80 -10.39 -8.60 -27.00
C ASP A 80 -9.57 -9.13 -25.84
N LEU A 81 -9.79 -8.61 -24.62
CA LEU A 81 -9.07 -9.14 -23.47
C LEU A 81 -9.63 -10.54 -23.19
N LYS A 83 -11.26 -12.61 -25.33
CA LYS A 83 -10.87 -13.53 -26.43
C LYS A 83 -9.44 -14.05 -26.25
N TRP A 84 -8.49 -13.16 -25.95
CA TRP A 84 -7.08 -13.51 -25.72
C TRP A 84 -6.94 -14.42 -24.48
N ALA A 85 -7.58 -14.05 -23.35
CA ALA A 85 -7.51 -14.86 -22.13
C ALA A 85 -8.06 -16.27 -22.41
N SER A 86 -9.20 -16.35 -23.12
CA SER A 86 -9.89 -17.57 -23.54
C SER A 86 -8.94 -18.49 -24.37
N GLU A 87 -8.27 -17.88 -25.37
CA GLU A 87 -7.35 -18.53 -26.29
C GLU A 87 -6.12 -19.06 -25.60
N ASN A 88 -5.80 -18.51 -24.43
CA ASN A 88 -4.65 -18.93 -23.63
C ASN A 88 -5.05 -19.74 -22.39
N GLY A 89 -6.27 -20.27 -22.42
CA GLY A 89 -6.79 -21.16 -21.38
C GLY A 89 -7.36 -20.58 -20.11
N ALA A 90 -7.71 -19.30 -20.07
CA ALA A 90 -8.32 -18.75 -18.83
C ALA A 90 -9.84 -18.95 -18.85
N SER A 91 -10.46 -18.89 -17.66
CA SER A 91 -11.92 -19.04 -17.50
C SER A 91 -12.52 -17.72 -17.93
N VAL A 92 -13.48 -17.73 -18.88
CA VAL A 92 -14.08 -16.46 -19.38
C VAL A 92 -15.61 -16.49 -19.24
N GLU A 93 -16.19 -17.67 -18.98
CA GLU A 93 -17.65 -17.86 -18.84
C GLU A 93 -18.19 -17.37 -17.51
N GLY A 94 -19.43 -16.87 -17.53
CA GLY A 94 -20.19 -16.56 -16.32
C GLY A 94 -20.02 -15.20 -15.70
N PHE A 95 -19.28 -14.31 -16.36
CA PHE A 95 -19.07 -12.95 -15.87
C PHE A 95 -18.90 -12.00 -17.04
N GLU A 96 -18.93 -10.70 -16.77
CA GLU A 96 -18.71 -9.62 -17.75
C GLU A 96 -18.09 -8.43 -16.99
N VAL A 98 -18.18 -4.56 -15.98
CA VAL A 98 -19.21 -3.56 -15.75
C VAL A 98 -18.59 -2.33 -15.04
N ASN A 99 -19.03 -1.12 -15.42
CA ASN A 99 -18.57 0.08 -14.74
C ASN A 99 -19.37 0.28 -13.45
N PHE A 100 -18.76 0.00 -12.30
CA PHE A 100 -19.47 0.18 -11.03
C PHE A 100 -19.33 1.60 -10.51
N LYS A 101 -20.41 2.15 -9.96
CA LYS A 101 -20.45 3.51 -9.41
C LYS A 101 -19.35 3.72 -8.34
N GLU A 102 -19.23 2.80 -7.38
CA GLU A 102 -18.25 3.02 -6.32
C GLU A 102 -16.78 2.56 -6.62
N GLU A 103 -16.58 1.47 -7.37
CA GLU A 103 -15.23 0.92 -7.53
C GLU A 103 -14.61 1.06 -8.91
N GLY A 104 -15.36 1.61 -9.84
CA GLY A 104 -14.92 1.72 -11.23
C GLY A 104 -15.21 0.39 -11.90
N PHE A 105 -14.41 0.00 -12.92
CA PHE A 105 -14.64 -1.26 -13.64
C PHE A 105 -14.34 -2.47 -12.78
N GLY A 106 -15.13 -3.52 -12.98
CA GLY A 106 -15.04 -4.75 -12.23
C GLY A 106 -15.79 -5.87 -12.92
N LEU A 107 -15.88 -7.01 -12.26
CA LEU A 107 -16.56 -8.18 -12.81
C LEU A 107 -17.91 -8.35 -12.18
N ARG A 108 -18.89 -8.70 -13.01
CA ARG A 108 -20.26 -8.93 -12.58
C ARG A 108 -20.72 -10.32 -13.07
N ALA A 109 -21.22 -11.17 -12.18
CA ALA A 109 -21.67 -12.52 -12.51
C ALA A 109 -22.89 -12.45 -13.46
N THR A 110 -22.88 -13.28 -14.54
CA THR A 110 -23.97 -13.35 -15.51
C THR A 110 -24.91 -14.52 -15.16
N ARG A 111 -24.58 -15.27 -14.12
CA ARG A 111 -25.35 -16.41 -13.64
C ARG A 111 -25.02 -16.60 -12.17
N ASP A 112 -25.80 -17.45 -11.48
CA ASP A 112 -25.55 -17.80 -10.10
C ASP A 112 -24.26 -18.58 -9.98
N ILE A 113 -23.52 -18.33 -8.90
CA ILE A 113 -22.25 -18.98 -8.63
C ILE A 113 -22.47 -19.68 -7.34
N LYS A 114 -22.05 -20.94 -7.25
CA LYS A 114 -22.27 -21.73 -6.05
C LYS A 114 -21.03 -21.74 -5.18
N ALA A 115 -21.22 -21.86 -3.85
CA ALA A 115 -20.09 -21.98 -2.90
C ALA A 115 -19.26 -23.19 -3.29
N GLU A 116 -17.90 -23.05 -3.21
CA GLU A 116 -16.84 -24.03 -3.52
C GLU A 116 -16.54 -24.12 -5.04
N GLU A 117 -17.24 -23.33 -5.85
CA GLU A 117 -17.00 -23.31 -7.29
C GLU A 117 -15.65 -22.66 -7.58
N LEU A 118 -14.83 -23.31 -8.40
CA LEU A 118 -13.58 -22.73 -8.83
C LEU A 118 -14.03 -21.77 -9.94
N PHE A 119 -14.11 -20.46 -9.61
CA PHE A 119 -14.68 -19.49 -10.52
C PHE A 119 -13.72 -18.92 -11.56
N LEU A 120 -12.51 -18.45 -11.17
CA LEU A 120 -11.52 -17.93 -12.11
C LEU A 120 -10.24 -18.73 -12.04
N TRP A 121 -9.59 -18.93 -13.18
CA TRP A 121 -8.23 -19.47 -13.26
C TRP A 121 -7.52 -18.75 -14.36
N VAL A 122 -6.27 -18.37 -14.12
CA VAL A 122 -5.50 -17.62 -15.10
C VAL A 122 -4.15 -18.34 -15.26
N PRO A 123 -3.89 -19.05 -16.40
CA PRO A 123 -2.57 -19.72 -16.58
C PRO A 123 -1.38 -18.77 -16.51
N ARG A 124 -0.23 -19.25 -15.98
CA ARG A 124 1.01 -18.44 -15.83
C ARG A 124 1.41 -17.73 -17.15
N LYS A 125 1.17 -18.33 -18.34
CA LYS A 125 1.51 -17.74 -19.64
C LYS A 125 0.96 -16.31 -19.84
N LEU A 126 -0.20 -15.98 -19.25
CA LEU A 126 -0.84 -14.65 -19.37
C LEU A 126 -0.20 -13.58 -18.49
N LEU A 127 0.44 -14.00 -17.40
CA LEU A 127 1.02 -13.10 -16.42
C LEU A 127 2.22 -12.29 -16.94
N THR A 129 5.58 -10.86 -15.31
CA THR A 129 6.41 -11.07 -14.11
C THR A 129 7.81 -10.48 -14.36
N VAL A 130 8.70 -10.59 -13.35
CA VAL A 130 10.10 -10.22 -13.44
C VAL A 130 10.76 -11.21 -14.43
N GLU A 131 10.31 -12.48 -14.42
CA GLU A 131 10.78 -13.53 -15.32
C GLU A 131 10.39 -13.24 -16.79
N SER A 132 9.16 -12.71 -17.05
CA SER A 132 8.76 -12.32 -18.42
C SER A 132 9.51 -11.04 -18.84
N ALA A 133 9.85 -10.19 -17.86
CA ALA A 133 10.59 -8.93 -18.04
C ALA A 133 12.04 -9.22 -18.49
N LYS A 134 12.73 -10.18 -17.82
CA LYS A 134 14.11 -10.59 -18.11
C LYS A 134 14.22 -11.21 -19.50
N ASN A 135 13.17 -11.90 -19.97
CA ASN A 135 13.16 -12.55 -21.28
C ASN A 135 12.67 -11.61 -22.38
N SER A 136 12.22 -10.41 -22.00
CA SER A 136 11.74 -9.42 -22.96
C SER A 136 12.90 -8.57 -23.46
N VAL A 137 12.59 -7.59 -24.34
CA VAL A 137 13.54 -6.61 -24.89
C VAL A 137 14.21 -5.81 -23.75
N LEU A 138 13.69 -5.94 -22.51
CA LEU A 138 14.18 -5.25 -21.32
C LEU A 138 15.31 -5.99 -20.59
N GLY A 139 15.48 -7.29 -20.89
CA GLY A 139 16.50 -8.15 -20.27
C GLY A 139 17.91 -7.55 -20.25
N PRO A 140 18.47 -7.15 -21.43
CA PRO A 140 19.80 -6.53 -21.46
C PRO A 140 19.98 -5.36 -20.48
N LEU A 141 18.99 -4.44 -20.37
CA LEU A 141 19.07 -3.32 -19.42
C LEU A 141 18.90 -3.82 -17.97
N TYR A 142 18.01 -4.83 -17.75
CA TYR A 142 17.76 -5.42 -16.42
C TYR A 142 19.04 -6.06 -15.88
N SER A 143 19.75 -6.80 -16.74
CA SER A 143 21.00 -7.49 -16.38
C SER A 143 22.11 -6.53 -15.96
N GLN A 144 22.12 -5.30 -16.53
CA GLN A 144 23.12 -4.26 -16.24
C GLN A 144 22.71 -3.26 -15.14
N ASP A 145 21.40 -3.05 -14.92
CA ASP A 145 20.95 -2.07 -13.92
C ASP A 145 20.71 -2.69 -12.55
N ARG A 146 21.39 -2.15 -11.53
CA ARG A 146 21.30 -2.59 -10.13
C ARG A 146 19.98 -2.22 -9.48
N ILE A 147 19.40 -1.03 -9.83
CA ILE A 147 18.13 -0.56 -9.28
C ILE A 147 16.99 -1.51 -9.72
N LEU A 148 16.96 -1.90 -11.01
CA LEU A 148 16.00 -2.83 -11.58
C LEU A 148 16.09 -4.23 -10.95
N GLN A 149 17.32 -4.64 -10.57
CA GLN A 149 17.61 -5.94 -9.97
C GLN A 149 17.10 -6.06 -8.53
N ALA A 150 17.14 -4.95 -7.75
CA ALA A 150 16.72 -4.93 -6.34
C ALA A 150 15.22 -4.59 -6.15
N GLY A 152 11.77 -5.48 -7.99
CA GLY A 152 10.93 -6.24 -8.92
C GLY A 152 9.74 -5.47 -9.44
N ASN A 153 9.11 -4.64 -8.57
CA ASN A 153 7.99 -3.76 -8.91
C ASN A 153 8.40 -2.72 -9.96
N ILE A 154 9.61 -2.10 -9.83
CA ILE A 154 10.09 -1.09 -10.81
C ILE A 154 10.41 -1.80 -12.12
N ALA A 155 11.02 -3.00 -12.04
CA ALA A 155 11.32 -3.81 -13.22
C ALA A 155 10.05 -4.19 -13.99
N LEU A 156 8.95 -4.47 -13.24
CA LEU A 156 7.62 -4.80 -13.75
C LEU A 156 7.02 -3.53 -14.38
N ALA A 157 7.17 -2.37 -13.74
CA ALA A 157 6.73 -1.07 -14.27
C ALA A 157 7.36 -0.81 -15.67
N PHE A 158 8.67 -1.06 -15.83
CA PHE A 158 9.38 -0.91 -17.11
C PHE A 158 8.97 -1.94 -18.12
N HIS A 159 8.73 -3.20 -17.69
CA HIS A 159 8.28 -4.29 -18.57
C HIS A 159 6.90 -3.91 -19.13
N LEU A 160 6.07 -3.28 -18.30
CA LEU A 160 4.75 -2.82 -18.71
C LEU A 160 4.85 -1.68 -19.73
N LEU A 161 5.78 -0.72 -19.50
CA LEU A 161 6.07 0.40 -20.41
C LEU A 161 6.57 -0.05 -21.77
N CYS A 162 7.60 -0.93 -21.80
CA CYS A 162 8.18 -1.49 -23.03
C CYS A 162 7.16 -2.21 -23.87
N GLU A 163 6.27 -3.01 -23.23
CA GLU A 163 5.25 -3.80 -23.93
C GLU A 163 4.11 -2.92 -24.39
N ARG A 164 3.76 -1.88 -23.61
CA ARG A 164 2.71 -0.92 -23.98
C ARG A 164 3.07 -0.32 -25.35
N ALA A 165 4.36 0.10 -25.51
CA ALA A 165 4.97 0.72 -26.70
C ALA A 165 5.38 -0.27 -27.84
N SER A 166 5.16 -1.59 -27.65
CA SER A 166 5.44 -2.63 -28.67
C SER A 166 4.08 -3.05 -29.24
N PRO A 167 3.76 -2.65 -30.50
CA PRO A 167 2.41 -2.93 -31.04
C PRO A 167 2.05 -4.38 -31.23
N ASN A 168 3.04 -5.27 -31.41
CA ASN A 168 2.82 -6.70 -31.64
C ASN A 168 2.98 -7.52 -30.34
N SER A 169 3.09 -6.84 -29.18
CA SER A 169 3.25 -7.48 -27.87
C SER A 169 2.12 -8.45 -27.56
N PHE A 170 2.48 -9.57 -26.94
CA PHE A 170 1.54 -10.62 -26.56
C PHE A 170 0.54 -10.07 -25.54
N TRP A 171 0.95 -9.07 -24.73
CA TRP A 171 0.15 -8.48 -23.67
C TRP A 171 -0.70 -7.29 -24.07
N GLN A 172 -0.73 -6.93 -25.35
CA GLN A 172 -1.52 -5.82 -25.85
C GLN A 172 -3.00 -5.91 -25.46
N PRO A 173 -3.73 -7.08 -25.55
CA PRO A 173 -5.14 -7.09 -25.11
C PRO A 173 -5.31 -6.70 -23.65
N TYR A 174 -4.32 -6.98 -22.79
CA TYR A 174 -4.32 -6.62 -21.36
C TYR A 174 -4.01 -5.13 -21.16
N ILE A 175 -2.89 -4.64 -21.74
CA ILE A 175 -2.47 -3.24 -21.60
C ILE A 175 -3.54 -2.28 -22.11
N GLN A 176 -4.21 -2.62 -23.23
CA GLN A 176 -5.25 -1.76 -23.80
C GLN A 176 -6.52 -1.66 -22.92
N THR A 177 -6.71 -2.57 -21.93
CA THR A 177 -7.87 -2.54 -21.02
C THR A 177 -7.51 -1.96 -19.64
N LEU A 178 -6.24 -1.54 -19.46
CA LEU A 178 -5.79 -0.96 -18.21
C LEU A 178 -6.28 0.49 -18.08
N PRO A 179 -6.45 1.02 -16.85
CA PRO A 179 -6.84 2.45 -16.72
C PRO A 179 -5.75 3.35 -17.29
N SER A 180 -6.11 4.58 -17.72
CA SER A 180 -5.13 5.54 -18.25
C SER A 180 -4.61 6.48 -17.15
N GLU A 181 -5.24 6.43 -15.97
N GLU A 181 -5.23 6.43 -15.97
CA GLU A 181 -4.94 7.25 -14.79
CA GLU A 181 -4.85 7.20 -14.79
C GLU A 181 -5.42 6.54 -13.52
C GLU A 181 -5.37 6.50 -13.53
N TYR A 182 -4.89 6.94 -12.36
CA TYR A 182 -5.23 6.33 -11.07
C TYR A 182 -5.49 7.39 -10.04
N ASP A 183 -6.06 7.01 -8.88
CA ASP A 183 -6.28 7.92 -7.77
C ASP A 183 -5.24 7.76 -6.67
N THR A 184 -4.03 7.29 -7.01
CA THR A 184 -2.92 7.24 -6.05
C THR A 184 -2.45 8.71 -5.79
N PRO A 185 -1.83 9.04 -4.61
CA PRO A 185 -1.41 10.44 -4.35
C PRO A 185 -0.54 11.09 -5.42
N LEU A 186 0.13 10.29 -6.26
CA LEU A 186 0.94 10.75 -7.39
C LEU A 186 0.09 11.58 -8.37
N TYR A 187 -1.25 11.39 -8.36
CA TYR A 187 -2.19 12.07 -9.24
C TYR A 187 -2.96 13.19 -8.55
N PHE A 188 -2.70 13.42 -7.26
CA PHE A 188 -3.43 14.46 -6.55
C PHE A 188 -2.91 15.84 -6.94
N GLU A 189 -3.81 16.83 -6.89
CA GLU A 189 -3.43 18.23 -7.08
C GLU A 189 -2.89 18.73 -5.73
N GLU A 190 -2.13 19.85 -5.74
CA GLU A 190 -1.56 20.43 -4.51
C GLU A 190 -2.63 20.68 -3.45
N ASP A 191 -3.81 21.16 -3.87
CA ASP A 191 -4.93 21.44 -2.97
C ASP A 191 -5.52 20.17 -2.34
N GLU A 192 -5.38 19.00 -3.01
CA GLU A 192 -5.88 17.71 -2.52
C GLU A 192 -4.97 17.18 -1.42
N VAL A 193 -3.65 17.19 -1.64
CA VAL A 193 -2.60 16.79 -0.68
C VAL A 193 -2.64 17.73 0.55
N ARG A 194 -2.93 19.04 0.34
CA ARG A 194 -3.02 20.08 1.38
C ARG A 194 -3.91 19.65 2.54
N TYR A 195 -4.98 18.90 2.21
CA TYR A 195 -5.92 18.37 3.17
C TYR A 195 -5.26 17.39 4.16
N LEU A 196 -4.11 16.80 3.77
CA LEU A 196 -3.34 15.83 4.56
C LEU A 196 -2.25 16.47 5.42
N GLN A 197 -2.14 17.82 5.39
CA GLN A 197 -1.17 18.50 6.24
C GLN A 197 -1.51 18.21 7.71
N SER A 198 -0.48 17.94 8.51
CA SER A 198 -0.60 17.61 9.94
C SER A 198 -1.34 16.28 10.16
N THR A 199 -0.90 15.21 9.48
CA THR A 199 -1.44 13.83 9.61
C THR A 199 -0.24 12.91 9.57
N GLN A 200 -0.44 11.63 9.93
CA GLN A 200 0.64 10.64 9.82
C GLN A 200 0.81 10.25 8.35
N ALA A 201 -0.32 10.05 7.61
CA ALA A 201 -0.31 9.62 6.19
C ALA A 201 0.50 10.53 5.24
N ILE A 202 0.50 11.87 5.48
CA ILE A 202 1.18 12.84 4.61
C ILE A 202 2.69 12.49 4.44
N HIS A 203 3.32 11.90 5.47
CA HIS A 203 4.72 11.50 5.45
C HIS A 203 5.02 10.45 4.38
N ASP A 204 4.11 9.48 4.21
CA ASP A 204 4.25 8.41 3.21
C ASP A 204 3.95 8.96 1.81
N VAL A 205 3.05 9.97 1.72
CA VAL A 205 2.74 10.66 0.46
C VAL A 205 4.00 11.37 -0.05
N PHE A 206 4.68 12.13 0.83
CA PHE A 206 5.92 12.86 0.46
C PHE A 206 6.98 11.90 -0.03
N SER A 207 7.20 10.82 0.72
CA SER A 207 8.17 9.80 0.39
C SER A 207 7.88 9.18 -0.98
N GLN A 208 6.59 8.85 -1.24
CA GLN A 208 6.19 8.28 -2.53
C GLN A 208 6.50 9.27 -3.66
N TYR A 209 6.13 10.55 -3.47
CA TYR A 209 6.39 11.59 -4.47
C TYR A 209 7.89 11.80 -4.70
N LYS A 210 8.68 11.91 -3.61
CA LYS A 210 10.14 12.09 -3.69
C LYS A 210 10.87 10.87 -4.28
N ASN A 211 10.38 9.63 -4.04
CA ASN A 211 11.03 8.44 -4.58
C ASN A 211 10.71 8.23 -6.05
N THR A 212 9.46 8.50 -6.45
CA THR A 212 9.02 8.35 -7.85
C THR A 212 9.75 9.35 -8.76
N ALA A 213 9.88 10.60 -8.31
CA ALA A 213 10.58 11.66 -9.05
C ALA A 213 12.05 11.32 -9.22
N ARG A 214 12.72 10.88 -8.13
CA ARG A 214 14.12 10.42 -8.12
C ARG A 214 14.33 9.28 -9.11
N GLN A 215 13.38 8.32 -9.15
CA GLN A 215 13.40 7.15 -10.01
C GLN A 215 13.26 7.54 -11.47
N TYR A 216 12.34 8.49 -11.77
CA TYR A 216 12.15 8.95 -13.14
C TYR A 216 13.43 9.59 -13.67
N ALA A 217 14.07 10.44 -12.85
CA ALA A 217 15.30 11.15 -13.15
C ALA A 217 16.42 10.17 -13.47
N TYR A 218 16.73 9.26 -12.52
CA TYR A 218 17.74 8.22 -12.68
C TYR A 218 17.53 7.48 -13.99
N PHE A 219 16.31 6.96 -14.21
CA PHE A 219 16.01 6.17 -15.40
C PHE A 219 15.90 6.98 -16.67
N TYR A 220 15.59 8.30 -16.60
CA TYR A 220 15.58 9.10 -17.83
C TYR A 220 17.00 9.21 -18.35
N LYS A 221 17.97 9.45 -17.44
CA LYS A 221 19.41 9.53 -17.72
C LYS A 221 19.89 8.20 -18.30
N VAL A 222 19.64 7.07 -17.59
CA VAL A 222 20.02 5.71 -18.00
C VAL A 222 19.46 5.39 -19.40
N ILE A 223 18.17 5.70 -19.66
CA ILE A 223 17.55 5.46 -20.97
C ILE A 223 18.02 6.55 -21.95
N HIS A 228 23.50 -0.11 -21.02
CA HIS A 228 23.05 0.91 -21.97
C HIS A 228 22.34 0.29 -23.18
N ALA A 229 21.04 0.00 -23.01
CA ALA A 229 20.18 -0.56 -24.06
C ALA A 229 19.27 0.54 -24.64
N ASN A 230 19.51 0.88 -25.92
CA ASN A 230 18.78 1.88 -26.70
C ASN A 230 17.86 1.20 -27.73
N LYS A 231 17.69 -0.14 -27.60
CA LYS A 231 16.83 -0.98 -28.46
C LYS A 231 15.38 -0.93 -27.94
N LEU A 232 15.21 -0.40 -26.71
CA LEU A 232 13.93 -0.22 -26.02
C LEU A 232 13.14 0.87 -26.75
N PRO A 233 11.79 0.77 -26.82
CA PRO A 233 11.02 1.84 -27.48
C PRO A 233 10.94 3.11 -26.61
N LEU A 234 11.53 3.03 -25.39
CA LEU A 234 11.61 4.11 -24.39
C LEU A 234 12.69 5.13 -24.77
N LYS A 235 13.64 4.76 -25.67
CA LYS A 235 14.70 5.64 -26.17
C LYS A 235 14.05 6.80 -26.95
N ASP A 236 13.04 6.48 -27.79
CA ASP A 236 12.26 7.43 -28.58
C ASP A 236 11.42 8.37 -27.70
N SER A 237 10.65 7.81 -26.71
CA SER A 237 9.82 8.62 -25.79
C SER A 237 9.64 7.93 -24.42
N PHE A 238 9.98 8.66 -23.34
CA PHE A 238 9.85 8.21 -21.95
C PHE A 238 9.52 9.41 -21.07
N THR A 239 8.23 9.75 -21.00
CA THR A 239 7.75 10.89 -20.23
C THR A 239 7.56 10.57 -18.72
N TYR A 240 7.40 11.62 -17.88
CA TYR A 240 7.13 11.44 -16.44
C TYR A 240 5.77 10.73 -16.29
N GLU A 241 4.75 11.16 -17.07
N GLU A 241 4.76 11.16 -17.08
CA GLU A 241 3.40 10.60 -17.11
CA GLU A 241 3.40 10.62 -17.14
C GLU A 241 3.41 9.10 -17.43
C GLU A 241 3.43 9.11 -17.41
N ASP A 242 4.42 8.63 -18.19
CA ASP A 242 4.63 7.23 -18.55
C ASP A 242 5.04 6.48 -17.30
N TYR A 243 6.02 7.05 -16.56
CA TYR A 243 6.57 6.44 -15.37
C TYR A 243 5.54 6.42 -14.24
N ARG A 244 4.79 7.53 -14.05
CA ARG A 244 3.76 7.64 -13.03
C ARG A 244 2.65 6.62 -13.33
N TRP A 245 2.30 6.43 -14.61
CA TRP A 245 1.27 5.48 -15.01
C TRP A 245 1.73 4.03 -14.73
N ALA A 246 3.00 3.71 -15.08
CA ALA A 246 3.59 2.39 -14.93
C ALA A 246 3.69 1.95 -13.46
N VAL A 247 4.27 2.79 -12.58
CA VAL A 247 4.44 2.47 -11.18
C VAL A 247 3.09 2.43 -10.47
N SER A 248 2.10 3.29 -10.88
CA SER A 248 0.75 3.30 -10.28
C SER A 248 -0.05 2.07 -10.72
N SER A 249 0.15 1.62 -11.97
CA SER A 249 -0.44 0.41 -12.54
C SER A 249 0.06 -0.79 -11.75
N VAL A 250 1.35 -0.81 -11.44
CA VAL A 250 1.96 -1.90 -10.70
C VAL A 250 1.52 -1.90 -9.24
N THR A 252 -1.13 -0.56 -7.74
CA THR A 252 -2.58 -0.73 -7.53
C THR A 252 -3.04 -2.12 -7.94
N ARG A 253 -2.21 -2.86 -8.70
CA ARG A 253 -2.64 -4.14 -9.27
C ARG A 253 -1.75 -5.35 -8.99
N GLN A 254 -0.50 -5.15 -8.55
CA GLN A 254 0.46 -6.24 -8.30
C GLN A 254 -0.06 -7.31 -7.33
N ASN A 255 0.20 -8.58 -7.63
CA ASN A 255 -0.15 -9.66 -6.71
C ASN A 255 1.11 -10.51 -6.57
N GLN A 256 1.28 -11.19 -5.45
CA GLN A 256 2.45 -12.08 -5.36
C GLN A 256 2.08 -13.51 -5.77
N ILE A 257 2.95 -14.14 -6.58
CA ILE A 257 2.85 -15.52 -7.07
C ILE A 257 4.14 -16.28 -6.70
N PRO A 258 4.11 -17.64 -6.57
CA PRO A 258 5.37 -18.36 -6.35
C PRO A 258 6.17 -18.40 -7.65
N THR A 259 7.48 -18.63 -7.51
CA THR A 259 8.41 -18.73 -8.64
C THR A 259 8.13 -20.02 -9.44
N GLU A 260 8.78 -20.16 -10.61
CA GLU A 260 8.61 -21.31 -11.51
C GLU A 260 8.81 -22.66 -10.80
N ASP A 261 9.80 -22.74 -9.86
CA ASP A 261 10.12 -23.94 -9.08
C ASP A 261 9.30 -24.06 -7.78
N GLY A 262 8.71 -22.94 -7.34
CA GLY A 262 7.89 -22.88 -6.13
C GLY A 262 8.67 -22.56 -4.88
N SER A 263 9.98 -22.22 -5.02
CA SER A 263 10.89 -21.87 -3.92
C SER A 263 10.41 -20.69 -3.07
N ARG A 264 10.15 -19.53 -3.72
CA ARG A 264 9.71 -18.32 -3.02
C ARG A 264 8.74 -17.47 -3.86
N VAL A 265 8.15 -16.45 -3.20
CA VAL A 265 7.19 -15.49 -3.75
C VAL A 265 7.87 -14.48 -4.68
N THR A 266 7.12 -14.01 -5.70
CA THR A 266 7.54 -13.00 -6.68
C THR A 266 6.27 -12.20 -7.10
N LEU A 267 6.46 -11.03 -7.76
CA LEU A 267 5.34 -10.17 -8.15
C LEU A 267 4.85 -10.43 -9.56
N ALA A 268 3.55 -10.26 -9.77
CA ALA A 268 2.95 -10.42 -11.07
C ALA A 268 1.80 -9.46 -11.31
N LEU A 269 1.53 -9.21 -12.58
CA LEU A 269 0.35 -8.50 -13.04
C LEU A 269 -0.47 -9.64 -13.60
N ILE A 270 -1.68 -9.82 -13.08
CA ILE A 270 -2.52 -10.94 -13.47
C ILE A 270 -3.74 -10.45 -14.29
N PRO A 271 -3.74 -10.66 -15.64
CA PRO A 271 -4.91 -10.25 -16.45
C PRO A 271 -6.20 -10.95 -16.05
N LEU A 272 -7.36 -10.28 -16.29
CA LEU A 272 -8.72 -10.79 -15.97
C LEU A 272 -8.99 -10.71 -14.48
N TRP A 273 -8.20 -11.45 -13.72
CA TRP A 273 -8.17 -11.51 -12.28
C TRP A 273 -8.09 -10.11 -11.65
N ASP A 274 -7.19 -9.27 -12.18
CA ASP A 274 -6.99 -7.95 -11.56
C ASP A 274 -8.10 -6.95 -11.91
N CYS A 276 -10.98 -7.60 -10.61
CA CYS A 276 -11.77 -7.74 -9.39
C CYS A 276 -11.48 -6.67 -8.39
N ASN A 277 -12.57 -6.04 -7.89
CA ASN A 277 -12.45 -5.03 -6.84
C ASN A 277 -12.39 -5.70 -5.48
N HIS A 278 -12.08 -4.92 -4.45
CA HIS A 278 -11.94 -5.39 -3.07
C HIS A 278 -13.23 -5.26 -2.29
N THR A 279 -13.49 -6.27 -1.46
CA THR A 279 -14.50 -6.32 -0.41
C THR A 279 -14.04 -7.31 0.66
N ASN A 280 -14.62 -7.22 1.87
CA ASN A 280 -14.34 -8.20 2.91
C ASN A 280 -15.34 -9.32 2.59
N GLY A 281 -14.97 -10.18 1.63
CA GLY A 281 -15.91 -11.19 1.12
C GLY A 281 -15.57 -12.65 1.27
N LEU A 282 -16.51 -13.48 0.84
CA LEU A 282 -16.39 -14.93 0.96
C LEU A 282 -15.86 -15.55 -0.32
N ILE A 283 -14.57 -15.34 -0.56
CA ILE A 283 -13.79 -15.82 -1.70
C ILE A 283 -12.41 -16.21 -1.16
N THR A 284 -11.74 -17.12 -1.85
CA THR A 284 -10.38 -17.53 -1.50
C THR A 284 -9.58 -17.60 -2.78
N THR A 285 -8.37 -17.02 -2.77
CA THR A 285 -7.47 -17.00 -3.90
C THR A 285 -6.21 -17.80 -3.56
N GLY A 286 -5.62 -18.41 -4.57
CA GLY A 286 -4.42 -19.21 -4.38
C GLY A 286 -3.78 -19.54 -5.70
N TYR A 287 -2.57 -20.13 -5.65
CA TYR A 287 -1.84 -20.51 -6.85
C TYR A 287 -1.81 -22.01 -6.94
N ASN A 288 -2.27 -22.54 -8.07
CA ASN A 288 -2.26 -23.96 -8.31
C ASN A 288 -0.91 -24.29 -9.00
N LEU A 289 0.03 -24.85 -8.21
CA LEU A 289 1.37 -25.20 -8.66
C LEU A 289 1.34 -26.23 -9.77
N GLU A 290 0.56 -27.32 -9.58
CA GLU A 290 0.45 -28.42 -10.55
C GLU A 290 -0.13 -27.98 -11.87
N ASP A 291 -1.22 -27.15 -11.86
CA ASP A 291 -1.79 -26.72 -13.13
C ASP A 291 -1.17 -25.42 -13.60
N ASP A 292 -0.27 -24.84 -12.76
CA ASP A 292 0.49 -23.61 -13.02
C ASP A 292 -0.46 -22.46 -13.38
N ARG A 293 -1.33 -22.08 -12.43
CA ARG A 293 -2.34 -21.06 -12.66
C ARG A 293 -2.83 -20.41 -11.38
N CYS A 294 -3.26 -19.15 -11.51
N CYS A 294 -3.22 -19.14 -11.48
CA CYS A 294 -3.82 -18.24 -10.51
CA CYS A 294 -3.80 -18.43 -10.33
C CYS A 294 -5.33 -18.65 -10.31
C CYS A 294 -5.25 -18.88 -10.28
N GLU A 295 -5.77 -19.05 -9.08
CA GLU A 295 -7.15 -19.54 -8.89
C GLU A 295 -7.99 -18.76 -7.90
N CYS A 296 -9.28 -18.58 -8.20
CA CYS A 296 -10.20 -17.93 -7.26
C CYS A 296 -11.43 -18.81 -7.05
N VAL A 297 -11.68 -19.19 -5.78
CA VAL A 297 -12.78 -20.07 -5.40
C VAL A 297 -13.84 -19.29 -4.61
N ALA A 298 -15.11 -19.40 -5.04
CA ALA A 298 -16.21 -18.76 -4.30
C ALA A 298 -16.47 -19.54 -3.02
N LEU A 299 -16.62 -18.86 -1.87
CA LEU A 299 -16.89 -19.55 -0.61
C LEU A 299 -18.35 -19.35 -0.18
N GLN A 300 -19.12 -18.63 -1.00
CA GLN A 300 -20.54 -18.34 -0.82
C GLN A 300 -21.25 -18.40 -2.17
N ASP A 301 -22.59 -18.54 -2.15
CA ASP A 301 -23.38 -18.50 -3.38
C ASP A 301 -23.49 -17.03 -3.73
N PHE A 302 -23.30 -16.67 -5.00
CA PHE A 302 -23.47 -15.30 -5.49
C PHE A 302 -24.60 -15.43 -6.48
N ARG A 303 -25.43 -14.40 -6.59
CA ARG A 303 -26.56 -14.41 -7.53
C ARG A 303 -26.13 -13.71 -8.79
N ALA A 304 -26.76 -14.06 -9.92
CA ALA A 304 -26.54 -13.41 -11.21
C ALA A 304 -26.75 -11.91 -11.02
N GLY A 305 -25.98 -11.10 -11.75
CA GLY A 305 -26.04 -9.64 -11.66
C GLY A 305 -25.28 -9.03 -10.49
N GLU A 306 -24.69 -9.84 -9.60
CA GLU A 306 -23.92 -9.38 -8.43
C GLU A 306 -22.43 -9.17 -8.79
N GLN A 307 -21.76 -8.14 -8.17
CA GLN A 307 -20.34 -7.88 -8.41
C GLN A 307 -19.52 -9.00 -7.79
N ILE A 308 -18.45 -9.43 -8.48
CA ILE A 308 -17.53 -10.46 -7.98
C ILE A 308 -16.31 -9.74 -7.43
N TYR A 309 -16.00 -9.93 -6.15
CA TYR A 309 -14.87 -9.25 -5.53
C TYR A 309 -13.83 -10.24 -5.03
N ILE A 310 -12.63 -9.75 -4.70
CA ILE A 310 -11.57 -10.54 -4.05
C ILE A 310 -11.16 -9.75 -2.77
N PHE A 311 -10.48 -10.40 -1.81
CA PHE A 311 -10.02 -9.72 -0.60
C PHE A 311 -8.56 -9.33 -0.85
N TYR A 312 -8.26 -8.01 -0.86
CA TYR A 312 -6.89 -7.56 -1.17
C TYR A 312 -5.94 -7.79 0.03
N GLY A 313 -6.47 -7.98 1.22
CA GLY A 313 -5.63 -8.16 2.41
C GLY A 313 -6.09 -7.26 3.54
N THR A 314 -5.49 -7.46 4.71
CA THR A 314 -5.86 -6.70 5.91
C THR A 314 -5.15 -5.34 5.91
N ARG A 315 -5.18 -4.65 4.76
CA ARG A 315 -4.56 -3.34 4.59
C ARG A 315 -5.32 -2.24 5.33
N SER A 316 -4.60 -1.21 5.80
CA SER A 316 -5.24 -0.07 6.46
C SER A 316 -5.76 0.88 5.36
N ASN A 317 -6.59 1.85 5.71
CA ASN A 317 -7.06 2.81 4.71
C ASN A 317 -5.92 3.71 4.18
N ALA A 318 -4.83 3.89 4.97
N ALA A 318 -4.88 3.97 5.01
CA ALA A 318 -3.64 4.63 4.55
CA ALA A 318 -3.69 4.73 4.62
C ALA A 318 -2.92 3.87 3.45
C ALA A 318 -2.98 3.97 3.52
N GLU A 319 -2.76 2.54 3.62
N GLU A 319 -2.87 2.63 3.66
CA GLU A 319 -2.12 1.68 2.61
CA GLU A 319 -2.26 1.78 2.65
C GLU A 319 -3.00 1.62 1.34
C GLU A 319 -3.13 1.71 1.37
N PHE A 320 -4.34 1.60 1.50
N PHE A 320 -4.47 1.64 1.53
CA PHE A 320 -5.28 1.58 0.37
CA PHE A 320 -5.40 1.59 0.39
C PHE A 320 -5.22 2.90 -0.40
C PHE A 320 -5.37 2.91 -0.40
N VAL A 321 -5.27 4.05 0.29
CA VAL A 321 -5.21 5.37 -0.38
C VAL A 321 -3.86 5.53 -1.12
N ILE A 322 -2.74 5.34 -0.40
CA ILE A 322 -1.39 5.58 -0.91
C ILE A 322 -0.95 4.59 -1.96
N HIS A 323 -1.25 3.29 -1.81
CA HIS A 323 -0.81 2.31 -2.80
C HIS A 323 -1.90 1.80 -3.77
N SER A 324 -3.20 1.97 -3.46
CA SER A 324 -4.28 1.47 -4.35
C SER A 324 -5.21 2.59 -4.85
N GLY A 325 -5.07 3.79 -4.31
CA GLY A 325 -5.91 4.90 -4.76
C GLY A 325 -7.38 4.87 -4.37
N PHE A 326 -7.70 4.29 -3.20
CA PHE A 326 -9.09 4.30 -2.74
C PHE A 326 -9.13 4.26 -1.25
N PHE A 327 -10.21 4.71 -0.66
CA PHE A 327 -10.43 4.66 0.76
C PHE A 327 -11.57 3.68 0.93
N PHE A 328 -11.39 2.65 1.78
CA PHE A 328 -12.47 1.67 1.99
C PHE A 328 -13.23 2.00 3.26
N ASP A 329 -14.50 2.46 3.11
CA ASP A 329 -15.37 2.83 4.23
C ASP A 329 -15.64 1.71 5.24
N ASN A 330 -15.85 0.49 4.75
CA ASN A 330 -16.14 -0.64 5.64
C ASN A 330 -14.87 -1.43 6.09
N ASN A 331 -13.69 -0.76 6.15
CA ASN A 331 -12.42 -1.37 6.53
C ASN A 331 -12.42 -1.80 8.01
N SER A 332 -12.32 -3.10 8.21
CA SER A 332 -12.27 -3.71 9.56
C SER A 332 -10.88 -3.58 10.19
N HIS A 333 -9.87 -3.32 9.35
CA HIS A 333 -8.47 -3.36 9.72
C HIS A 333 -7.80 -2.01 9.80
N ASP A 334 -8.59 -0.93 9.93
CA ASP A 334 -8.03 0.41 9.97
C ASP A 334 -7.17 0.66 11.23
N ARG A 335 -6.06 1.39 10.99
CA ARG A 335 -5.05 1.69 12.00
C ARG A 335 -4.23 2.90 11.57
N VAL A 336 -3.59 3.56 12.54
CA VAL A 336 -2.69 4.67 12.29
C VAL A 336 -1.32 4.31 12.89
N LYS A 337 -0.23 4.60 12.17
CA LYS A 337 1.14 4.36 12.59
C LYS A 337 1.49 5.28 13.76
N ILE A 338 2.40 4.80 14.64
CA ILE A 338 2.85 5.51 15.85
C ILE A 338 4.29 5.07 16.14
N LYS A 339 5.22 6.03 16.29
CA LYS A 339 6.60 5.68 16.59
C LYS A 339 6.84 5.78 18.09
N LEU A 340 7.48 4.74 18.66
CA LEU A 340 7.78 4.69 20.09
C LEU A 340 9.11 4.02 20.26
N GLY A 341 9.87 4.49 21.22
CA GLY A 341 11.17 3.95 21.55
C GLY A 341 11.55 4.18 22.99
N VAL A 342 12.41 3.32 23.53
CA VAL A 342 12.91 3.52 24.88
C VAL A 342 13.98 4.63 24.76
N SER A 343 13.95 5.61 25.64
CA SER A 343 14.94 6.71 25.61
C SER A 343 16.31 6.26 26.11
N LYS A 344 17.40 6.59 25.36
CA LYS A 344 18.78 6.27 25.78
C LYS A 344 19.16 7.04 27.08
N SER A 345 18.37 8.05 27.46
CA SER A 345 18.53 8.84 28.67
C SER A 345 17.75 8.26 29.86
N ASP A 346 16.95 7.19 29.63
CA ASP A 346 16.24 6.51 30.73
C ASP A 346 17.34 5.75 31.50
N ARG A 347 17.32 5.84 32.82
CA ARG A 347 18.29 5.19 33.74
C ARG A 347 18.27 3.66 33.53
N LEU A 348 17.09 3.13 33.12
CA LEU A 348 16.89 1.71 32.93
C LEU A 348 16.91 1.26 31.46
N TYR A 349 17.48 2.12 30.57
CA TYR A 349 17.58 1.85 29.13
C TYR A 349 18.17 0.47 28.82
N ALA A 350 19.36 0.16 29.37
CA ALA A 350 20.07 -1.07 29.07
C ALA A 350 19.25 -2.30 29.43
N LYS A 352 15.89 -2.44 29.90
CA LYS A 352 14.67 -2.42 29.06
C LYS A 352 14.97 -2.97 27.66
N ALA A 353 16.09 -2.48 27.05
CA ALA A 353 16.57 -2.91 25.74
C ALA A 353 16.86 -4.40 25.71
N GLU A 354 17.42 -4.93 26.80
CA GLU A 354 17.76 -6.34 26.90
C GLU A 354 16.52 -7.21 26.94
N VAL A 355 15.53 -6.88 27.79
CA VAL A 355 14.26 -7.62 27.91
C VAL A 355 13.56 -7.64 26.54
N LEU A 356 13.48 -6.46 25.87
CA LEU A 356 12.89 -6.33 24.53
C LEU A 356 13.63 -7.22 23.55
N ALA A 357 14.99 -7.15 23.52
CA ALA A 357 15.77 -8.00 22.61
C ALA A 357 15.49 -9.48 22.85
N ARG A 358 15.39 -9.91 24.12
CA ARG A 358 15.15 -11.32 24.43
C ARG A 358 13.77 -11.74 23.97
N ALA A 359 12.82 -10.77 23.91
CA ALA A 359 11.48 -10.99 23.40
C ALA A 359 11.41 -10.81 21.85
N GLY A 360 12.53 -10.44 21.21
CA GLY A 360 12.61 -10.24 19.77
C GLY A 360 11.97 -8.94 19.29
N ILE A 361 11.92 -7.94 20.19
CA ILE A 361 11.32 -6.62 19.91
C ILE A 361 12.43 -5.56 19.85
N PRO A 362 12.48 -4.68 18.84
CA PRO A 362 13.50 -3.61 18.85
C PRO A 362 13.27 -2.58 19.96
N THR A 363 14.29 -1.77 20.25
N THR A 363 14.29 -1.75 20.24
CA THR A 363 14.22 -0.75 21.30
CA THR A 363 14.22 -0.71 21.27
C THR A 363 13.36 0.44 20.83
C THR A 363 13.32 0.43 20.82
N SER A 364 13.27 0.63 19.49
CA SER A 364 12.52 1.70 18.83
C SER A 364 11.91 1.16 17.53
N SER A 365 10.62 1.39 17.29
CA SER A 365 10.01 0.99 16.03
C SER A 365 8.69 1.73 15.75
N VAL A 366 8.14 1.47 14.55
CA VAL A 366 6.87 2.03 14.15
C VAL A 366 5.83 0.97 14.49
N PHE A 367 4.91 1.31 15.41
CA PHE A 367 3.80 0.45 15.77
C PHE A 367 2.53 1.02 15.15
N ALA A 368 1.38 0.42 15.42
CA ALA A 368 0.13 0.95 14.89
C ALA A 368 -0.92 0.92 15.97
N LEU A 369 -1.82 1.90 15.94
CA LEU A 369 -2.96 1.93 16.83
C LEU A 369 -4.11 1.54 15.95
N HIS A 370 -4.88 0.54 16.36
CA HIS A 370 -5.99 0.00 15.58
C HIS A 370 -7.28 0.64 15.97
N PHE A 371 -8.22 0.80 15.01
CA PHE A 371 -9.55 1.32 15.33
C PHE A 371 -10.28 0.36 16.27
N THR A 372 -10.11 -0.95 16.05
CA THR A 372 -10.75 -1.97 16.88
C THR A 372 -10.25 -1.96 18.32
N GLU A 373 -11.06 -2.57 19.17
CA GLU A 373 -10.67 -2.96 20.51
C GLU A 373 -9.97 -4.32 20.27
N PRO A 374 -8.77 -4.64 20.83
CA PRO A 374 -7.89 -3.76 21.59
C PRO A 374 -7.14 -2.85 20.60
N PRO A 375 -6.79 -1.58 20.92
CA PRO A 375 -6.08 -0.74 19.93
C PRO A 375 -4.65 -1.16 19.67
N ILE A 376 -4.09 -2.01 20.53
CA ILE A 376 -2.69 -2.38 20.40
C ILE A 376 -2.52 -3.92 20.22
N SER A 377 -1.45 -4.30 19.48
CA SER A 377 -1.04 -5.69 19.24
C SER A 377 -0.29 -6.26 20.44
N ALA A 378 -0.02 -7.59 20.42
CA ALA A 378 0.74 -8.28 21.47
C ALA A 378 2.14 -7.66 21.50
N GLN A 379 2.72 -7.32 20.33
CA GLN A 379 4.05 -6.71 20.27
C GLN A 379 4.09 -5.32 20.94
N LEU A 380 3.07 -4.48 20.69
CA LEU A 380 3.00 -3.17 21.34
C LEU A 380 2.70 -3.29 22.84
N LEU A 381 1.82 -4.25 23.24
CA LEU A 381 1.58 -4.44 24.68
C LEU A 381 2.90 -4.83 25.40
N ALA A 382 3.67 -5.76 24.80
CA ALA A 382 4.97 -6.21 25.29
C ALA A 382 5.91 -5.03 25.43
N PHE A 383 6.00 -4.20 24.38
CA PHE A 383 6.84 -3.01 24.39
C PHE A 383 6.46 -2.02 25.54
N LEU A 384 5.18 -1.69 25.68
CA LEU A 384 4.68 -0.77 26.70
C LEU A 384 4.88 -1.30 28.11
N ARG A 385 4.70 -2.61 28.32
CA ARG A 385 4.94 -3.21 29.64
C ARG A 385 6.43 -3.03 30.03
N VAL A 386 7.35 -3.29 29.09
CA VAL A 386 8.79 -3.14 29.36
C VAL A 386 9.13 -1.67 29.61
N PHE A 387 8.59 -0.78 28.76
CA PHE A 387 8.76 0.66 28.81
C PHE A 387 8.43 1.22 30.20
N CYS A 388 7.45 0.62 30.89
CA CYS A 388 6.93 1.04 32.19
C CYS A 388 7.36 0.14 33.34
N THR A 390 9.45 -1.49 36.46
CA THR A 390 10.40 -1.02 37.49
C THR A 390 11.68 -1.83 37.33
N GLU A 391 12.74 -1.42 38.04
CA GLU A 391 14.03 -2.11 38.01
C GLU A 391 13.85 -3.53 38.52
N GLU A 392 13.04 -3.72 39.57
CA GLU A 392 12.80 -5.04 40.14
C GLU A 392 12.09 -5.96 39.13
N GLU A 393 11.13 -5.43 38.37
CA GLU A 393 10.42 -6.20 37.35
C GLU A 393 11.36 -6.60 36.24
N LEU A 394 12.22 -5.65 35.82
CA LEU A 394 13.23 -5.87 34.78
C LEU A 394 14.20 -6.96 35.18
N LYS A 395 14.65 -6.94 36.46
CA LYS A 395 15.56 -7.98 37.01
C LYS A 395 14.92 -9.35 36.99
N GLU A 396 13.65 -9.45 37.42
CA GLU A 396 12.91 -10.70 37.44
C GLU A 396 12.76 -11.30 36.04
N HIS A 397 12.55 -10.44 35.02
CA HIS A 397 12.40 -10.87 33.63
C HIS A 397 13.72 -11.38 33.04
N LEU A 398 14.84 -10.79 33.45
CA LEU A 398 16.20 -11.14 32.99
C LEU A 398 16.75 -12.37 33.70
N LEU A 399 16.26 -12.65 34.91
CA LEU A 399 16.66 -13.81 35.71
C LEU A 399 15.86 -15.04 35.36
N GLY A 400 14.60 -14.85 34.96
CA GLY A 400 13.67 -15.91 34.61
C GLY A 400 13.42 -16.90 35.73
N ASP A 401 13.26 -16.39 36.96
CA ASP A 401 13.01 -17.26 38.13
C ASP A 401 11.51 -17.35 38.46
N SER A 402 10.67 -17.00 37.47
CA SER A 402 9.22 -17.10 37.60
C SER A 402 8.85 -18.52 37.16
N ALA A 403 7.71 -19.03 37.67
CA ALA A 403 7.18 -20.35 37.29
C ALA A 403 6.64 -20.27 35.83
N ILE A 404 6.44 -19.03 35.35
CA ILE A 404 5.95 -18.71 34.02
C ILE A 404 7.09 -18.11 33.17
N ASP A 405 7.22 -18.54 31.90
CA ASP A 405 8.20 -17.95 30.98
C ASP A 405 7.65 -16.54 30.71
N ARG A 406 8.17 -15.54 31.46
CA ARG A 406 7.72 -14.14 31.37
C ARG A 406 8.10 -13.48 30.08
N ILE A 407 9.11 -13.99 29.36
CA ILE A 407 9.46 -13.44 28.05
C ILE A 407 8.31 -13.83 27.03
N PHE A 408 7.87 -15.10 27.10
CA PHE A 408 6.82 -15.68 26.26
C PHE A 408 5.44 -15.01 26.49
N THR A 409 5.12 -14.63 27.73
CA THR A 409 3.80 -14.02 28.00
C THR A 409 3.86 -12.47 27.97
N LEU A 410 5.00 -11.87 27.57
CA LEU A 410 5.21 -10.41 27.58
C LEU A 410 4.09 -9.63 26.86
N GLY A 411 3.57 -10.16 25.75
CA GLY A 411 2.51 -9.49 25.00
C GLY A 411 1.14 -10.10 25.22
N ASN A 412 0.99 -10.85 26.31
CA ASN A 412 -0.26 -11.54 26.58
C ASN A 412 -1.08 -10.83 27.67
N SER A 413 -2.22 -10.31 27.26
CA SER A 413 -3.18 -9.57 28.08
C SER A 413 -3.60 -10.33 29.36
N GLU A 414 -3.68 -11.65 29.25
CA GLU A 414 -4.06 -12.56 30.34
C GLU A 414 -2.95 -12.68 31.41
N PHE A 415 -1.71 -12.30 31.09
CA PHE A 415 -0.58 -12.43 32.03
C PHE A 415 0.09 -11.06 32.36
N PRO A 416 -0.60 -10.17 33.13
CA PRO A 416 0.02 -8.89 33.48
C PRO A 416 1.26 -9.11 34.37
N VAL A 417 2.26 -8.25 34.23
CA VAL A 417 3.48 -8.29 35.05
C VAL A 417 3.07 -7.88 36.48
N SER A 418 2.27 -6.81 36.61
CA SER A 418 1.71 -6.31 37.87
C SER A 418 0.57 -5.38 37.53
N TRP A 419 -0.33 -5.12 38.47
CA TRP A 419 -1.40 -4.14 38.22
C TRP A 419 -0.74 -2.78 38.05
N ASP A 420 0.33 -2.51 38.81
CA ASP A 420 1.09 -1.25 38.76
C ASP A 420 1.61 -1.01 37.34
N ASN A 421 2.19 -2.04 36.72
CA ASN A 421 2.74 -1.92 35.35
C ASN A 421 1.64 -1.60 34.35
N GLU A 422 0.47 -2.25 34.49
CA GLU A 422 -0.69 -2.05 33.62
C GLU A 422 -1.20 -0.61 33.76
N VAL A 423 -1.43 -0.14 35.00
CA VAL A 423 -1.88 1.24 35.25
C VAL A 423 -0.91 2.22 34.57
N LYS A 424 0.40 2.04 34.77
CA LYS A 424 1.37 2.95 34.11
C LYS A 424 1.32 2.91 32.58
N LEU A 425 1.26 1.72 31.95
CA LEU A 425 1.27 1.67 30.49
C LEU A 425 -0.02 2.24 29.87
N TRP A 426 -1.19 1.97 30.47
CA TRP A 426 -2.46 2.50 29.93
C TRP A 426 -2.53 4.01 30.14
N THR A 427 -1.87 4.50 31.22
CA THR A 427 -1.77 5.94 31.47
C THR A 427 -0.89 6.54 30.38
N PHE A 428 0.27 5.92 30.09
CA PHE A 428 1.18 6.42 29.06
C PHE A 428 0.47 6.49 27.68
N LEU A 429 -0.23 5.42 27.32
CA LEU A 429 -0.91 5.33 26.02
C LEU A 429 -2.00 6.40 25.90
N GLU A 430 -2.84 6.54 26.93
CA GLU A 430 -3.89 7.54 26.96
C GLU A 430 -3.29 8.94 26.74
N ASP A 431 -2.23 9.28 27.52
CA ASP A 431 -1.52 10.55 27.43
C ASP A 431 -0.88 10.76 26.08
N ARG A 432 -0.24 9.71 25.52
CA ARG A 432 0.40 9.83 24.22
C ARG A 432 -0.63 10.07 23.10
N ALA A 433 -1.74 9.30 23.11
CA ALA A 433 -2.77 9.45 22.07
C ALA A 433 -3.43 10.84 22.17
N SER A 434 -3.63 11.35 23.42
CA SER A 434 -4.17 12.69 23.67
C SER A 434 -3.27 13.79 23.08
N LEU A 435 -1.95 13.64 23.25
CA LEU A 435 -0.94 14.54 22.72
C LEU A 435 -0.92 14.55 21.20
N LEU A 436 -0.95 13.35 20.58
CA LEU A 436 -0.94 13.21 19.14
C LEU A 436 -2.18 13.88 18.51
N LEU A 437 -3.34 13.76 19.16
CA LEU A 437 -4.61 14.34 18.75
C LEU A 437 -4.58 15.88 18.56
N LYS A 438 -3.85 16.57 19.46
CA LYS A 438 -3.69 18.03 19.48
C LYS A 438 -2.85 18.52 18.31
N THR A 439 -1.95 17.69 17.74
CA THR A 439 -1.10 18.08 16.61
C THR A 439 -1.89 18.27 15.28
N TYR A 440 -3.20 17.91 15.26
CA TYR A 440 -4.10 17.97 14.09
C TYR A 440 -4.70 19.37 13.91
N LYS A 441 -4.81 19.83 12.63
CA LYS A 441 -5.32 21.16 12.27
C LYS A 441 -6.84 21.29 12.26
N THR A 442 -7.60 20.18 12.07
CA THR A 442 -9.07 20.31 12.05
C THR A 442 -9.75 19.40 13.07
N THR A 443 -11.00 19.70 13.41
CA THR A 443 -11.77 18.86 14.34
C THR A 443 -12.50 17.77 13.54
N ILE A 444 -13.09 16.78 14.25
CA ILE A 444 -13.86 15.69 13.66
C ILE A 444 -15.15 16.26 13.03
N GLU A 445 -15.80 17.23 13.71
CA GLU A 445 -17.00 17.91 13.22
C GLU A 445 -16.70 18.72 11.95
N GLU A 446 -15.53 19.40 11.90
CA GLU A 446 -15.09 20.19 10.75
C GLU A 446 -14.86 19.30 9.54
N ASP A 447 -14.29 18.10 9.76
CA ASP A 447 -14.04 17.13 8.68
C ASP A 447 -15.33 16.64 8.07
N LYS A 448 -16.32 16.34 8.92
CA LYS A 448 -17.64 15.87 8.53
C LYS A 448 -18.45 16.98 7.84
N SER A 449 -18.23 18.25 8.23
CA SER A 449 -18.90 19.40 7.60
C SER A 449 -18.33 19.53 6.18
N VAL A 450 -16.99 19.57 6.05
CA VAL A 450 -16.27 19.62 4.77
C VAL A 450 -16.77 18.49 3.82
N LEU A 451 -16.92 17.26 4.35
CA LEU A 451 -17.38 16.09 3.60
C LEU A 451 -18.83 16.21 3.07
N LYS A 452 -19.58 17.25 3.51
CA LYS A 452 -20.94 17.50 3.01
C LYS A 452 -20.91 18.21 1.63
N ASN A 453 -19.75 18.80 1.24
CA ASN A 453 -19.56 19.44 -0.05
C ASN A 453 -19.55 18.37 -1.16
N HIS A 454 -20.70 18.23 -1.84
CA HIS A 454 -21.01 17.33 -2.95
C HIS A 454 -20.04 17.47 -4.15
N ASP A 455 -19.38 18.64 -4.29
CA ASP A 455 -18.46 18.93 -5.39
C ASP A 455 -16.98 18.63 -5.10
N LEU A 456 -16.68 18.15 -3.89
CA LEU A 456 -15.31 17.74 -3.53
C LEU A 456 -14.87 16.64 -4.50
N SER A 457 -13.64 16.69 -5.00
CA SER A 457 -13.17 15.64 -5.89
C SER A 457 -12.99 14.31 -5.12
N VAL A 458 -13.02 13.19 -5.86
CA VAL A 458 -12.82 11.83 -5.34
C VAL A 458 -11.54 11.81 -4.49
N ARG A 459 -10.45 12.37 -5.04
CA ARG A 459 -9.12 12.45 -4.42
C ARG A 459 -9.15 13.29 -3.12
N ALA A 460 -9.88 14.44 -3.12
CA ALA A 460 -10.05 15.31 -1.95
C ALA A 460 -10.81 14.60 -0.83
N LYS A 461 -11.92 13.89 -1.16
CA LYS A 461 -12.71 13.11 -0.20
C LYS A 461 -11.84 12.03 0.48
N ALA A 463 -8.44 12.05 0.92
CA ALA A 463 -7.53 12.77 1.83
C ALA A 463 -8.22 13.22 3.13
N ILE A 464 -9.47 13.71 3.06
CA ILE A 464 -10.21 14.19 4.23
C ILE A 464 -10.69 13.01 5.11
N LYS A 465 -11.13 11.90 4.49
CA LYS A 465 -11.63 10.72 5.22
C LYS A 465 -10.49 10.10 6.03
N LEU A 466 -9.30 10.09 5.43
CA LEU A 466 -8.03 9.62 5.96
C LEU A 466 -7.64 10.46 7.19
N ARG A 467 -7.75 11.80 7.06
CA ARG A 467 -7.50 12.78 8.11
C ARG A 467 -8.50 12.60 9.25
N LEU A 468 -9.76 12.42 8.92
CA LEU A 468 -10.82 12.18 9.88
C LEU A 468 -10.59 10.81 10.60
N GLY A 469 -10.15 9.82 9.83
CA GLY A 469 -9.93 8.45 10.30
C GLY A 469 -8.87 8.36 11.37
N GLU A 470 -7.73 9.04 11.17
CA GLU A 470 -6.60 9.09 12.11
C GLU A 470 -7.06 9.59 13.48
N LYS A 471 -7.85 10.67 13.51
CA LYS A 471 -8.40 11.24 14.72
C LYS A 471 -9.41 10.32 15.37
N GLU A 472 -10.28 9.67 14.58
CA GLU A 472 -11.27 8.77 15.17
C GLU A 472 -10.56 7.54 15.80
N ILE A 473 -9.43 7.10 15.24
CA ILE A 473 -8.67 5.96 15.78
C ILE A 473 -8.03 6.40 17.12
N LEU A 474 -7.33 7.56 17.12
CA LEU A 474 -6.70 8.12 18.32
C LEU A 474 -7.71 8.39 19.43
N GLU A 475 -8.93 8.91 19.10
CA GLU A 475 -9.99 9.16 20.10
C GLU A 475 -10.53 7.88 20.74
N LYS A 476 -10.66 6.83 19.93
CA LYS A 476 -11.13 5.54 20.40
C LYS A 476 -10.02 4.89 21.27
N ALA A 477 -8.72 5.10 20.91
CA ALA A 477 -7.57 4.56 21.67
C ALA A 477 -7.47 5.24 23.06
N VAL A 478 -7.73 6.57 23.16
CA VAL A 478 -7.77 7.30 24.44
C VAL A 478 -8.82 6.66 25.35
N LYS A 479 -10.03 6.43 24.81
CA LYS A 479 -11.15 5.83 25.53
C LYS A 479 -10.85 4.40 26.00
N SER A 480 -10.25 3.55 25.14
N SER A 480 -10.25 3.56 25.13
CA SER A 480 -9.87 2.17 25.46
CA SER A 480 -9.89 2.17 25.47
C SER A 480 -8.81 2.16 26.56
C SER A 480 -8.81 2.17 26.55
N ALA A 481 -7.81 3.07 26.46
CA ALA A 481 -6.71 3.21 27.44
C ALA A 481 -7.28 3.63 28.81
N ALA A 482 -8.28 4.55 28.82
CA ALA A 482 -8.94 4.98 30.07
C ALA A 482 -9.70 3.84 30.71
N VAL A 483 -10.45 3.05 29.90
CA VAL A 483 -11.21 1.89 30.44
C VAL A 483 -10.25 0.90 31.12
N ASN A 484 -9.11 0.60 30.45
CA ASN A 484 -8.06 -0.30 30.95
C ASN A 484 -7.36 0.24 32.19
N ARG A 485 -7.02 1.54 32.18
CA ARG A 485 -6.40 2.18 33.35
C ARG A 485 -7.37 2.03 34.55
N GLU A 486 -8.66 2.33 34.34
CA GLU A 486 -9.65 2.23 35.42
C GLU A 486 -9.78 0.82 35.93
N TYR A 487 -9.89 -0.14 35.02
CA TYR A 487 -10.00 -1.55 35.36
C TYR A 487 -8.86 -2.01 36.27
N TYR A 488 -7.59 -1.73 35.89
CA TYR A 488 -6.44 -2.18 36.68
C TYR A 488 -6.28 -1.43 38.02
N ARG A 489 -6.83 -0.20 38.12
CA ARG A 489 -6.81 0.58 39.37
C ARG A 489 -7.89 0.10 40.32
N GLN A 490 -8.75 -0.81 39.83
CA GLN A 490 -9.83 -1.43 40.62
C GLN A 490 -9.45 -2.82 41.13
N GLN A 491 -8.23 -3.28 40.83
CA GLN A 491 -7.80 -4.63 41.21
C GLN A 491 -7.04 -4.64 42.51
#